data_5A69
#
_entry.id   5A69
#
_cell.length_a   85.780
_cell.length_b   95.580
_cell.length_c   131.550
_cell.angle_alpha   90.00
_cell.angle_beta   90.00
_cell.angle_gamma   90.00
#
_symmetry.space_group_name_H-M   'C 2 2 21'
#
loop_
_entity.id
_entity.type
_entity.pdbx_description
1 polymer N-ACETYL-BETA-D-GLUCOSAMINIDASE
2 non-polymer '[(Z)-[(3R,4R,5R,6R)-3-acetamido-6-(hydroxymethyl)-4,5-bis(oxidanyl)oxan-2-ylidene]amino] N-phenylcarbamate'
3 water water
#
_entity_poly.entity_id   1
_entity_poly.type   'polypeptide(L)'
_entity_poly.pdbx_seq_one_letter_code
;MGSSHHHHHHSSGLVPRGSHMASMVRFTGLSLKQTQAIEVLKGHISLPDVEVAVTQSDQASISIEGEEGHYQLTYRKPHQ
LYRALSLLVTVLAEADKVEIEEQAAYEDLAYMVDCSRNAVLNVASAKQMIEILALMGYSTFELYMEDTYQIEGQPYFGYF
RGAYSAEELQEIEAYAQQFDVTFVPCIQTLAHLSAFVKWGVKEVQELRDVEDILLIGEEKVYDLIDGMFATLSKLKTRKV
NIGMDEAHLVGLGRYLILNGVVDRSLLMCQHLERVLDIADKYGFHCQMWSDMFFKLMSADGQYDRDVEIPEETRVYLDRL
KDRVTLVYWDYYQDSEEKYNRNFRNHHKISHDLAFAGGAWKWIGFTPHNHFSRLVAIEANKACRANQIKEVIVTGWGDNG
GETAQFSILPSLQIWAELSYRNDLDGLSAHFKTNTGLTVEDFMQIDLANLLPDLPGNLSGINPNRYVFYQDILCPILDQH
MTPEQDKPHFAQAAETLANIKEKAGNYAYLFETQAQLNAILSSKVDVGRRIRQAYQADDKESLQQIARQELPELRSQIED
FHALFSHQWLKENKVFGLDTVDIRMGGLLQRIKRAESRIEVYLAGQLDRIDELEVEILPFTDFYADKDFAATTANQWHTI
ATASTIYTT
;
_entity_poly.pdbx_strand_id   A
#
loop_
_chem_comp.id
_chem_comp.type
_chem_comp.name
_chem_comp.formula
OGN non-polymer '[(Z)-[(3R,4R,5R,6R)-3-acetamido-6-(hydroxymethyl)-4,5-bis(oxidanyl)oxan-2-ylidene]amino] N-phenylcarbamate' 'C15 H19 N3 O7'
#
# COMPACT_ATOMS: atom_id res chain seq x y z
N ARG A 26 26.90 20.98 17.17
CA ARG A 26 27.22 22.41 16.91
C ARG A 26 27.21 22.71 15.41
N PHE A 27 26.02 22.94 14.84
CA PHE A 27 25.83 23.19 13.39
C PHE A 27 26.06 24.66 13.01
N THR A 28 25.93 25.00 11.72
CA THR A 28 26.11 26.38 11.29
C THR A 28 25.43 26.62 9.94
N GLY A 29 24.84 27.80 9.81
CA GLY A 29 24.15 28.14 8.58
C GLY A 29 22.74 27.57 8.53
N LEU A 30 22.29 27.01 9.66
CA LEU A 30 20.93 26.48 9.79
C LEU A 30 19.93 27.60 10.16
N SER A 31 18.73 27.50 9.59
CA SER A 31 17.63 28.38 9.96
C SER A 31 16.95 27.84 11.22
N LEU A 32 16.13 28.69 11.85
CA LEU A 32 15.13 28.26 12.84
C LEU A 32 14.43 26.96 12.43
N LYS A 33 13.72 26.98 11.30
CA LYS A 33 12.91 25.85 10.88
C LYS A 33 13.71 24.55 10.84
N GLN A 34 14.93 24.62 10.27
CA GLN A 34 15.85 23.48 10.08
C GLN A 34 16.40 22.95 11.38
N THR A 35 16.64 23.85 12.33
CA THR A 35 17.11 23.48 13.66
C THR A 35 16.03 22.73 14.48
N GLN A 36 14.80 23.20 14.41
CA GLN A 36 13.67 22.44 14.94
C GLN A 36 13.47 21.09 14.22
N ALA A 37 13.63 21.09 12.91
CA ALA A 37 13.49 19.86 12.11
C ALA A 37 14.46 18.78 12.55
N ILE A 38 15.76 19.10 12.53
CA ILE A 38 16.79 18.19 13.07
C ILE A 38 16.44 17.74 14.48
N GLU A 39 15.84 18.63 15.27
CA GLU A 39 15.41 18.24 16.62
C GLU A 39 14.34 17.15 16.58
N VAL A 40 13.26 17.37 15.82
CA VAL A 40 12.18 16.38 15.72
C VAL A 40 12.75 15.06 15.15
N LEU A 41 13.78 15.18 14.32
CA LEU A 41 14.34 14.04 13.63
C LEU A 41 15.28 13.22 14.49
N LYS A 42 15.52 13.64 15.72
CA LYS A 42 16.37 12.88 16.65
C LYS A 42 15.53 11.86 17.44
N HIS A 44 14.35 8.93 15.32
CA HIS A 44 14.78 8.13 14.18
C HIS A 44 16.31 8.06 14.08
N ILE A 45 16.94 9.21 14.27
CA ILE A 45 18.37 9.37 14.11
C ILE A 45 19.03 9.61 15.48
N SER A 46 20.31 9.25 15.56
CA SER A 46 21.21 9.64 16.63
C SER A 46 22.32 10.50 15.96
N LEU A 47 22.35 11.77 16.34
CA LEU A 47 23.28 12.74 15.80
C LEU A 47 24.48 12.73 16.73
N PRO A 48 25.69 12.52 16.18
CA PRO A 48 26.88 12.30 17.01
C PRO A 48 27.43 13.59 17.59
N VAL A 50 30.41 16.85 16.53
CA VAL A 50 30.69 17.24 15.15
C VAL A 50 30.29 18.72 14.84
N GLU A 51 30.95 19.30 13.83
CA GLU A 51 30.65 20.65 13.36
C GLU A 51 30.30 20.59 11.87
N VAL A 52 29.15 21.16 11.51
CA VAL A 52 28.67 21.07 10.14
C VAL A 52 28.40 22.46 9.55
N ALA A 53 29.15 22.80 8.50
CA ALA A 53 28.88 23.99 7.71
C ALA A 53 27.82 23.63 6.70
N VAL A 54 26.67 24.30 6.79
CA VAL A 54 25.53 23.95 5.98
C VAL A 54 25.19 25.05 4.99
N THR A 55 25.26 24.75 3.70
CA THR A 55 25.06 25.79 2.69
C THR A 55 24.20 25.25 1.59
N GLN A 56 23.24 26.05 1.14
CA GLN A 56 22.50 25.73 -0.08
C GLN A 56 23.42 25.95 -1.28
N SER A 57 23.92 24.87 -1.87
CA SER A 57 24.73 24.95 -3.10
C SER A 57 24.14 24.16 -4.26
N ASP A 58 24.29 24.68 -5.48
CA ASP A 58 23.96 23.93 -6.68
C ASP A 58 25.10 22.94 -7.03
N GLN A 59 26.06 22.76 -6.10
CA GLN A 59 27.19 21.85 -6.32
C GLN A 59 26.71 20.44 -6.64
N ALA A 60 26.00 19.84 -5.69
CA ALA A 60 25.40 18.54 -5.92
C ALA A 60 24.12 18.44 -5.13
N SER A 61 23.31 17.42 -5.43
CA SER A 61 22.12 17.16 -4.66
C SER A 61 22.56 17.20 -3.20
N ILE A 62 23.54 16.38 -2.85
CA ILE A 62 24.10 16.34 -1.48
C ILE A 62 25.63 16.23 -1.58
N SER A 63 26.32 17.17 -0.95
CA SER A 63 27.75 17.09 -0.73
C SER A 63 28.05 17.11 0.74
N ILE A 64 28.67 16.06 1.26
CA ILE A 64 29.33 16.18 2.54
C ILE A 64 30.82 16.01 2.21
N GLU A 65 31.65 16.94 2.67
CA GLU A 65 33.10 16.85 2.51
C GLU A 65 33.73 17.35 3.78
N GLY A 66 34.69 16.59 4.30
CA GLY A 66 35.39 17.02 5.50
C GLY A 66 36.09 15.89 6.19
N GLU A 67 36.50 16.17 7.43
CA GLU A 67 37.38 15.28 8.17
C GLU A 67 37.55 15.81 9.56
N GLU A 68 38.05 14.96 10.45
CA GLU A 68 38.52 15.43 11.73
C GLU A 68 37.44 16.22 12.43
N GLY A 69 36.21 15.72 12.39
CA GLY A 69 35.10 16.34 13.12
C GLY A 69 34.69 17.75 12.69
N HIS A 70 35.00 18.12 11.45
CA HIS A 70 34.48 19.37 10.88
C HIS A 70 34.10 19.15 9.43
N TYR A 71 32.82 19.34 9.12
CA TYR A 71 32.33 19.01 7.79
C TYR A 71 31.57 20.15 7.16
N GLN A 72 31.61 20.20 5.83
CA GLN A 72 30.70 21.02 5.02
C GLN A 72 29.61 20.17 4.32
N LEU A 73 28.34 20.35 4.71
CA LEU A 73 27.22 19.72 3.97
C LEU A 73 26.49 20.76 3.13
N THR A 74 26.33 20.49 1.83
CA THR A 74 25.46 21.32 0.98
C THR A 74 24.32 20.54 0.35
N TYR A 75 23.31 21.27 -0.12
CA TYR A 75 22.13 20.69 -0.76
C TYR A 75 21.65 21.53 -1.92
N ARG A 76 21.18 20.90 -2.97
CA ARG A 76 20.47 21.67 -3.96
C ARG A 76 19.10 22.14 -3.43
N LYS A 77 18.28 21.18 -2.95
CA LYS A 77 16.91 21.47 -2.46
C LYS A 77 16.92 21.36 -0.94
N PRO A 78 16.26 22.31 -0.26
CA PRO A 78 16.23 22.35 1.22
C PRO A 78 15.86 21.04 1.92
N HIS A 79 14.87 20.34 1.39
CA HIS A 79 14.43 19.08 1.96
C HIS A 79 15.59 18.08 2.05
N GLN A 80 16.51 18.15 1.10
CA GLN A 80 17.69 17.27 1.03
C GLN A 80 18.64 17.40 2.20
N LEU A 81 18.51 18.44 3.03
CA LEU A 81 19.26 18.50 4.28
C LEU A 81 19.14 17.18 5.06
N TYR A 82 17.94 16.62 5.02
CA TYR A 82 17.56 15.55 5.93
C TYR A 82 18.11 14.14 5.55
N ARG A 83 18.14 13.80 4.25
CA ARG A 83 18.94 12.65 3.76
C ARG A 83 20.45 12.86 3.92
N ALA A 84 20.96 14.05 3.62
CA ALA A 84 22.39 14.35 3.86
C ALA A 84 22.73 14.01 5.31
N LEU A 85 21.91 14.50 6.24
CA LEU A 85 22.08 14.26 7.66
C LEU A 85 22.15 12.78 7.91
N SER A 86 21.18 12.03 7.40
CA SER A 86 21.22 10.57 7.58
C SER A 86 22.50 9.91 7.03
N LEU A 87 22.90 10.28 5.81
CA LEU A 87 24.16 9.85 5.18
C LEU A 87 25.35 10.27 6.01
N LEU A 88 25.36 11.56 6.37
CA LEU A 88 26.34 12.09 7.30
C LEU A 88 26.46 11.06 8.40
N VAL A 89 25.36 10.85 9.13
CA VAL A 89 25.44 10.05 10.38
C VAL A 89 25.72 8.56 10.09
N THR A 90 25.46 8.11 8.86
CA THR A 90 25.80 6.74 8.44
C THR A 90 27.28 6.65 8.09
N VAL A 91 27.77 7.56 7.24
CA VAL A 91 29.16 7.54 6.80
C VAL A 91 30.09 7.64 8.02
N LEU A 92 29.68 8.41 9.02
CA LEU A 92 30.47 8.60 10.26
C LEU A 92 30.30 7.42 11.23
N ALA A 93 30.99 6.31 10.95
CA ALA A 93 30.99 5.16 11.87
C ALA A 93 32.37 4.52 11.96
N ASP A 96 36.20 9.30 9.98
CA ASP A 96 36.24 10.76 10.07
C ASP A 96 36.30 11.36 8.68
N LYS A 97 37.31 10.97 7.90
CA LYS A 97 37.36 11.37 6.49
C LYS A 97 36.07 10.89 5.88
N VAL A 98 35.31 11.84 5.32
CA VAL A 98 34.02 11.60 4.69
C VAL A 98 33.98 12.54 3.49
N GLU A 99 33.66 12.00 2.32
CA GLU A 99 33.59 12.77 1.09
C GLU A 99 32.48 12.15 0.27
N ILE A 100 31.36 12.86 0.18
CA ILE A 100 30.14 12.32 -0.45
C ILE A 100 29.53 13.38 -1.32
N GLU A 101 29.30 13.02 -2.58
CA GLU A 101 28.47 13.79 -3.51
C GLU A 101 27.32 12.89 -3.96
N GLU A 102 26.15 13.49 -4.17
CA GLU A 102 25.05 12.80 -4.83
C GLU A 102 24.37 13.77 -5.76
N GLN A 103 24.20 13.34 -7.02
CA GLN A 103 23.29 13.99 -8.01
C GLN A 103 22.05 13.11 -8.30
N ALA A 104 20.91 13.40 -7.66
CA ALA A 104 19.67 12.63 -7.88
C ALA A 104 19.27 12.58 -9.33
N ALA A 105 18.60 11.51 -9.75
CA ALA A 105 18.02 11.51 -11.09
C ALA A 105 16.75 12.36 -11.15
N TYR A 106 15.97 12.36 -10.07
CA TYR A 106 14.60 12.87 -10.17
C TYR A 106 14.43 14.18 -9.41
N GLU A 107 13.77 15.13 -10.05
CA GLU A 107 13.57 16.45 -9.48
C GLU A 107 12.66 16.29 -8.30
N ASP A 108 11.65 15.40 -8.44
CA ASP A 108 10.72 15.07 -7.36
C ASP A 108 10.59 13.55 -7.18
N LEU A 109 10.78 13.12 -5.93
CA LEU A 109 10.45 11.78 -5.47
C LEU A 109 9.33 11.86 -4.43
N ALA A 110 8.28 11.06 -4.61
CA ALA A 110 7.15 11.12 -3.68
C ALA A 110 6.69 9.77 -3.18
N TYR A 111 6.11 9.73 -1.97
CA TYR A 111 5.37 8.55 -1.57
C TYR A 111 3.87 8.83 -1.39
N MET A 112 3.04 8.01 -2.02
CA MET A 112 1.56 8.13 -1.95
C MET A 112 0.91 7.04 -1.11
N VAL A 113 0.33 7.44 0.00
CA VAL A 113 -0.44 6.57 0.85
C VAL A 113 -1.91 6.49 0.48
N ASP A 114 -2.41 5.26 0.30
CA ASP A 114 -3.83 5.03 0.05
C ASP A 114 -4.57 5.28 1.37
N CYS A 115 -5.45 6.27 1.40
CA CYS A 115 -6.30 6.49 2.53
C CYS A 115 -7.74 6.29 2.09
N SER A 116 -7.95 5.53 1.02
CA SER A 116 -9.30 5.36 0.46
C SER A 116 -9.81 3.91 0.47
N ARG A 117 -9.05 2.95 1.06
CA ARG A 117 -9.40 1.52 1.01
C ARG A 117 -9.72 0.91 2.35
N ASN A 118 -9.99 1.83 3.30
CA ASN A 118 -10.61 1.63 4.59
C ASN A 118 -9.68 2.14 5.67
N ALA A 119 -8.39 2.08 5.36
CA ALA A 119 -7.37 2.47 6.27
C ALA A 119 -7.06 3.94 6.03
N VAL A 120 -7.47 4.79 6.97
CA VAL A 120 -7.05 6.16 6.97
C VAL A 120 -6.01 6.42 8.04
N LEU A 121 -4.77 6.57 7.58
CA LEU A 121 -3.64 7.05 8.33
C LEU A 121 -3.98 8.23 9.21
N ASN A 122 -3.84 8.02 10.51
CA ASN A 122 -4.11 9.05 11.44
C ASN A 122 -2.92 10.04 11.45
N VAL A 123 -3.17 11.21 12.02
CA VAL A 123 -2.25 12.37 11.98
C VAL A 123 -0.87 12.00 12.51
N ALA A 124 -0.87 11.39 13.69
CA ALA A 124 0.36 11.08 14.40
C ALA A 124 1.19 10.14 13.58
N SER A 125 0.53 9.32 12.78
CA SER A 125 1.26 8.40 11.90
C SER A 125 1.65 9.07 10.58
N ALA A 126 0.95 10.12 10.15
CA ALA A 126 1.39 10.81 8.94
C ALA A 126 2.67 11.55 9.23
N LYS A 127 2.80 12.00 10.48
CA LYS A 127 3.94 12.77 10.90
C LYS A 127 5.14 11.89 10.98
N GLN A 128 4.99 10.71 11.61
CA GLN A 128 6.11 9.79 11.72
C GLN A 128 6.51 9.42 10.29
N MET A 129 5.51 9.18 9.45
CA MET A 129 5.81 8.86 8.05
C MET A 129 6.62 9.98 7.39
N ILE A 130 6.20 11.22 7.59
CA ILE A 130 6.90 12.38 6.99
C ILE A 130 8.37 12.47 7.46
N GLU A 131 8.57 12.31 8.75
CA GLU A 131 9.88 12.37 9.26
C GLU A 131 10.76 11.30 8.56
N ILE A 132 10.18 10.15 8.24
CA ILE A 132 10.99 9.03 7.75
C ILE A 132 11.31 9.26 6.28
N LEU A 133 10.33 9.75 5.51
CA LEU A 133 10.51 10.12 4.11
C LEU A 133 11.57 11.20 4.01
N ALA A 134 11.58 12.12 4.98
CA ALA A 134 12.57 13.20 4.98
C ALA A 134 13.99 12.65 5.03
N LEU A 135 14.26 11.79 6.03
CA LEU A 135 15.51 11.08 6.17
C LEU A 135 15.96 10.25 4.95
N MET A 136 15.02 9.83 4.10
CA MET A 136 15.31 9.00 2.95
C MET A 136 15.66 9.87 1.75
N GLY A 137 15.06 11.05 1.66
CA GLY A 137 15.27 11.90 0.50
C GLY A 137 14.01 12.26 -0.29
N TYR A 138 12.83 11.83 0.16
CA TYR A 138 11.59 12.19 -0.55
C TYR A 138 11.33 13.72 -0.43
N SER A 139 10.95 14.33 -1.55
CA SER A 139 10.61 15.78 -1.61
C SER A 139 9.12 15.97 -1.42
N THR A 140 8.34 14.91 -1.70
CA THR A 140 6.88 15.04 -1.78
C THR A 140 6.13 13.90 -1.03
N PHE A 141 5.07 14.28 -0.34
CA PHE A 141 4.22 13.33 0.37
C PHE A 141 2.80 13.46 -0.14
N GLU A 142 2.12 12.34 -0.37
CA GLU A 142 0.83 12.38 -1.08
C GLU A 142 -0.12 11.46 -0.37
N LEU A 143 -1.39 11.85 -0.34
CA LEU A 143 -2.47 11.02 0.20
C LEU A 143 -3.50 10.89 -0.85
N TYR A 144 -3.81 9.64 -1.17
CA TYR A 144 -4.87 9.26 -2.06
C TYR A 144 -6.18 9.13 -1.32
N MET A 145 -7.06 10.11 -1.54
CA MET A 145 -8.35 10.20 -0.94
C MET A 145 -9.41 10.28 -2.03
N GLU A 146 -10.13 9.21 -2.25
CA GLU A 146 -11.24 9.24 -3.13
C GLU A 146 -12.37 10.09 -2.51
N ASP A 147 -12.80 9.71 -1.32
CA ASP A 147 -13.90 10.35 -0.65
C ASP A 147 -13.55 10.65 0.78
N THR A 148 -12.28 10.61 1.13
CA THR A 148 -11.88 10.67 2.56
C THR A 148 -11.33 12.04 2.94
N TYR A 149 -11.87 13.07 2.31
CA TYR A 149 -11.71 14.47 2.77
C TYR A 149 -13.07 15.13 2.71
N GLN A 150 -13.38 15.88 3.75
CA GLN A 150 -14.70 16.51 3.91
C GLN A 150 -14.93 17.57 2.85
N ILE A 151 -16.19 17.75 2.46
CA ILE A 151 -16.56 18.87 1.59
C ILE A 151 -17.81 19.57 2.12
N GLU A 152 -17.78 20.90 2.26
CA GLU A 152 -18.88 21.69 2.88
C GLU A 152 -20.16 21.50 2.08
N GLY A 153 -21.27 21.20 2.77
CA GLY A 153 -22.53 20.82 2.11
C GLY A 153 -22.50 19.53 1.31
N GLN A 154 -21.59 18.62 1.65
CA GLN A 154 -21.57 17.27 1.07
C GLN A 154 -21.35 16.29 2.20
N PRO A 155 -22.37 16.12 3.05
CA PRO A 155 -22.19 15.34 4.27
C PRO A 155 -22.16 13.80 4.08
N TYR A 156 -22.59 13.30 2.91
CA TYR A 156 -22.40 11.89 2.56
C TYR A 156 -21.04 11.61 1.83
N PHE A 157 -20.21 12.65 1.67
CA PHE A 157 -18.89 12.51 1.12
C PHE A 157 -17.95 12.25 2.26
N GLY A 158 -17.71 10.98 2.55
CA GLY A 158 -16.84 10.57 3.65
C GLY A 158 -17.54 10.20 4.92
N TYR A 159 -18.83 9.92 4.81
CA TYR A 159 -19.67 9.67 5.95
C TYR A 159 -19.24 8.32 6.60
N PHE A 160 -18.83 8.37 7.87
CA PHE A 160 -18.30 7.23 8.63
C PHE A 160 -17.05 6.64 7.96
N ARG A 161 -16.40 7.39 7.10
CA ARG A 161 -15.17 6.90 6.45
C ARG A 161 -13.92 7.43 7.14
N GLY A 162 -14.09 8.28 8.15
CA GLY A 162 -12.99 9.02 8.78
C GLY A 162 -12.38 10.01 7.82
N ALA A 163 -13.23 10.65 7.01
CA ALA A 163 -12.76 11.62 6.03
C ALA A 163 -11.90 12.63 6.71
N TYR A 164 -10.78 12.99 6.07
CA TYR A 164 -9.94 14.04 6.61
C TYR A 164 -10.68 15.38 6.70
N SER A 165 -10.54 16.02 7.86
CA SER A 165 -10.85 17.43 8.00
C SER A 165 -9.76 18.30 7.32
N ALA A 166 -10.15 19.50 6.85
CA ALA A 166 -9.17 20.43 6.27
C ALA A 166 -8.17 20.89 7.36
N GLU A 167 -8.59 20.92 8.63
CA GLU A 167 -7.62 21.02 9.73
C GLU A 167 -6.54 19.90 9.60
N GLU A 168 -6.97 18.65 9.65
CA GLU A 168 -6.04 17.54 9.57
C GLU A 168 -5.17 17.65 8.32
N LEU A 169 -5.77 17.98 7.19
CA LEU A 169 -4.98 18.19 5.96
C LEU A 169 -3.97 19.34 6.05
N GLN A 170 -4.42 20.51 6.54
CA GLN A 170 -3.48 21.60 6.91
C GLN A 170 -2.44 21.20 8.00
N GLU A 171 -2.85 20.47 9.04
CA GLU A 171 -1.85 20.10 10.04
C GLU A 171 -0.77 19.21 9.39
N ILE A 172 -1.22 18.21 8.64
CA ILE A 172 -0.33 17.27 8.00
C ILE A 172 0.63 18.00 7.05
N GLU A 173 0.07 18.87 6.22
CA GLU A 173 0.84 19.59 5.22
C GLU A 173 1.90 20.48 5.84
N ALA A 174 1.52 21.16 6.93
CA ALA A 174 2.42 22.04 7.62
C ALA A 174 3.54 21.25 8.26
N TYR A 175 3.24 20.05 8.75
CA TYR A 175 4.28 19.20 9.33
C TYR A 175 5.33 18.87 8.27
N ALA A 176 4.87 18.56 7.06
CA ALA A 176 5.76 18.24 5.96
C ALA A 176 6.57 19.45 5.56
N GLN A 177 5.89 20.60 5.52
CA GLN A 177 6.55 21.87 5.27
C GLN A 177 7.71 22.20 6.24
N GLN A 178 7.61 21.76 7.49
CA GLN A 178 8.76 21.85 8.42
C GLN A 178 10.06 21.26 7.87
N PHE A 179 9.93 20.33 6.93
CA PHE A 179 11.10 19.64 6.32
C PHE A 179 11.26 20.02 4.89
N ASP A 180 10.47 21.01 4.46
CA ASP A 180 10.47 21.46 3.07
C ASP A 180 9.91 20.35 2.18
N VAL A 181 8.96 19.60 2.71
CA VAL A 181 8.32 18.53 1.94
C VAL A 181 7.00 19.03 1.39
N THR A 182 6.78 18.78 0.11
CA THR A 182 5.55 19.22 -0.55
C THR A 182 4.43 18.18 -0.35
N PHE A 183 3.21 18.63 -0.05
CA PHE A 183 2.01 17.79 0.00
C PHE A 183 1.25 17.91 -1.30
N VAL A 184 1.01 16.81 -1.98
CA VAL A 184 0.12 16.75 -3.14
C VAL A 184 -1.05 15.82 -2.80
N PRO A 185 -2.28 16.35 -2.83
CA PRO A 185 -3.47 15.47 -2.79
C PRO A 185 -3.74 14.68 -4.09
N CYS A 186 -3.93 13.37 -3.95
CA CYS A 186 -4.40 12.55 -5.04
C CYS A 186 -5.87 12.27 -4.78
N ILE A 187 -6.72 12.68 -5.70
CA ILE A 187 -8.15 12.63 -5.41
C ILE A 187 -8.78 11.99 -6.58
N GLN A 188 -10.11 12.00 -6.62
CA GLN A 188 -10.78 11.56 -7.82
C GLN A 188 -11.84 12.57 -8.30
N THR A 189 -11.84 12.77 -9.61
CA THR A 189 -12.76 13.66 -10.29
C THR A 189 -13.54 12.92 -11.37
N LEU A 190 -13.52 11.60 -11.38
CA LEU A 190 -14.29 10.89 -12.40
C LEU A 190 -14.85 9.56 -11.92
N ALA A 191 -13.96 8.58 -11.77
CA ALA A 191 -14.30 7.25 -11.31
C ALA A 191 -13.67 6.98 -9.92
N HIS A 192 -13.64 5.70 -9.47
CA HIS A 192 -13.18 5.30 -8.09
C HIS A 192 -13.85 6.12 -6.97
N LEU A 193 -15.18 6.14 -6.94
CA LEU A 193 -15.91 6.95 -5.94
C LEU A 193 -17.03 6.12 -5.26
N SER A 194 -16.85 4.80 -5.36
CA SER A 194 -17.82 3.79 -4.95
C SER A 194 -18.42 4.03 -3.54
N ALA A 195 -17.64 4.56 -2.63
CA ALA A 195 -18.16 4.68 -1.26
C ALA A 195 -18.95 5.95 -1.05
N PHE A 196 -18.81 6.92 -1.94
CA PHE A 196 -19.65 8.11 -1.89
C PHE A 196 -20.96 7.81 -2.61
N VAL A 197 -20.87 7.39 -3.87
CA VAL A 197 -22.04 7.14 -4.73
C VAL A 197 -22.99 6.05 -4.25
N LYS A 198 -22.56 5.21 -3.30
CA LYS A 198 -23.48 4.15 -2.88
C LYS A 198 -24.63 4.77 -2.05
N TRP A 199 -24.49 6.00 -1.57
CA TRP A 199 -25.53 6.55 -0.69
C TRP A 199 -26.82 6.91 -1.47
N GLY A 200 -27.94 6.31 -1.08
CA GLY A 200 -29.21 6.50 -1.82
C GLY A 200 -30.02 7.68 -1.31
N VAL A 201 -29.46 8.88 -1.45
CA VAL A 201 -30.20 10.14 -1.42
C VAL A 201 -30.06 10.85 -2.77
N LYS A 202 -31.15 11.53 -3.20
CA LYS A 202 -31.22 12.26 -4.52
C LYS A 202 -29.96 13.06 -4.92
N GLU A 203 -29.48 13.87 -3.98
CA GLU A 203 -28.32 14.72 -4.21
C GLU A 203 -27.04 13.96 -4.54
N VAL A 204 -27.04 12.64 -4.28
CA VAL A 204 -25.92 11.78 -4.59
C VAL A 204 -26.20 11.04 -5.87
N GLN A 205 -27.38 10.45 -5.94
CA GLN A 205 -27.72 9.59 -7.05
C GLN A 205 -27.76 10.39 -8.32
N GLU A 206 -28.20 11.65 -8.18
CA GLU A 206 -28.21 12.51 -9.34
C GLU A 206 -26.82 12.72 -9.95
N LEU A 207 -25.73 12.44 -9.21
CA LEU A 207 -24.38 12.66 -9.74
C LEU A 207 -23.79 11.49 -10.55
N ARG A 208 -24.56 10.45 -10.82
CA ARG A 208 -23.97 9.19 -11.29
C ARG A 208 -24.20 8.87 -12.75
N ASP A 209 -23.41 7.95 -13.28
CA ASP A 209 -23.52 7.53 -14.68
C ASP A 209 -23.62 6.01 -14.72
N VAL A 210 -22.68 5.35 -14.09
CA VAL A 210 -22.74 3.91 -13.87
C VAL A 210 -21.63 3.50 -12.88
N GLU A 211 -21.91 2.48 -12.06
CA GLU A 211 -20.94 1.93 -11.11
C GLU A 211 -20.32 3.00 -10.23
N ASP A 212 -19.01 3.22 -10.33
CA ASP A 212 -18.36 4.25 -9.49
C ASP A 212 -18.02 5.60 -10.21
N ILE A 213 -18.63 5.83 -11.37
CA ILE A 213 -18.25 6.92 -12.26
C ILE A 213 -19.28 8.03 -12.20
N LEU A 214 -18.81 9.26 -12.09
CA LEU A 214 -19.69 10.43 -12.01
C LEU A 214 -20.31 10.79 -13.32
N LEU A 215 -21.42 11.53 -13.27
CA LEU A 215 -22.15 11.99 -14.46
C LEU A 215 -21.46 13.19 -15.14
N ILE A 216 -20.71 12.91 -16.19
CA ILE A 216 -20.01 13.96 -16.90
C ILE A 216 -21.03 14.84 -17.61
N GLY A 217 -20.75 16.14 -17.63
CA GLY A 217 -21.67 17.11 -18.21
C GLY A 217 -22.72 17.60 -17.24
N GLU A 218 -22.96 16.85 -16.18
CA GLU A 218 -24.02 17.18 -15.25
C GLU A 218 -23.50 18.32 -14.41
N GLU A 219 -24.34 19.31 -14.18
CA GLU A 219 -23.94 20.52 -13.44
C GLU A 219 -23.71 20.26 -11.98
N LYS A 220 -24.49 19.35 -11.40
CA LYS A 220 -24.35 19.04 -9.98
C LYS A 220 -22.93 18.48 -9.72
N VAL A 221 -22.44 17.73 -10.67
CA VAL A 221 -21.15 17.10 -10.58
C VAL A 221 -20.10 18.22 -10.47
N TYR A 222 -20.11 19.11 -11.46
CA TYR A 222 -19.12 20.22 -11.46
C TYR A 222 -19.27 21.15 -10.28
N ASP A 223 -20.42 21.16 -9.60
CA ASP A 223 -20.48 21.85 -8.28
C ASP A 223 -19.82 21.07 -7.18
N LEU A 224 -19.86 19.73 -7.28
CA LEU A 224 -19.20 18.89 -6.27
C LEU A 224 -17.68 19.04 -6.40
N ILE A 225 -17.19 18.87 -7.63
CA ILE A 225 -15.77 19.04 -7.94
C ILE A 225 -15.26 20.39 -7.50
N ASP A 226 -16.11 21.40 -7.55
CA ASP A 226 -15.71 22.76 -7.22
C ASP A 226 -15.54 22.83 -5.70
N GLY A 227 -16.41 22.14 -4.97
CA GLY A 227 -16.27 21.97 -3.51
C GLY A 227 -15.02 21.20 -3.14
N MET A 228 -14.60 20.29 -4.03
CA MET A 228 -13.38 19.50 -3.79
C MET A 228 -12.18 20.45 -3.77
N PHE A 229 -12.00 21.20 -4.88
CA PHE A 229 -10.87 22.13 -5.01
C PHE A 229 -11.00 23.26 -4.02
N ALA A 230 -12.23 23.70 -3.81
CA ALA A 230 -12.51 24.62 -2.71
C ALA A 230 -11.87 24.06 -1.44
N THR A 231 -12.20 22.84 -1.06
CA THR A 231 -11.61 22.30 0.18
C THR A 231 -10.10 22.16 0.02
N LEU A 232 -9.64 21.74 -1.15
CA LEU A 232 -8.21 21.59 -1.37
C LEU A 232 -7.53 22.97 -1.31
N SER A 233 -8.15 23.98 -1.94
CA SER A 233 -7.63 25.33 -1.93
C SER A 233 -7.27 25.90 -0.54
N LYS A 234 -7.71 25.28 0.55
CA LYS A 234 -7.41 25.86 1.88
C LYS A 234 -6.07 25.35 2.44
N LEU A 235 -5.37 24.55 1.63
CA LEU A 235 -3.98 24.19 1.88
C LEU A 235 -3.05 25.08 1.08
N LYS A 236 -1.79 25.05 1.45
CA LYS A 236 -0.78 25.84 0.74
C LYS A 236 -0.42 25.24 -0.64
N THR A 237 -0.37 23.90 -0.79
CA THR A 237 0.08 23.33 -2.08
C THR A 237 -0.84 23.79 -3.19
N ARG A 238 -0.30 23.92 -4.39
CA ARG A 238 -1.14 24.12 -5.56
C ARG A 238 -0.84 23.05 -6.58
N LYS A 239 -0.52 21.86 -6.07
CA LYS A 239 -0.30 20.67 -6.94
C LYS A 239 -1.32 19.59 -6.57
N VAL A 240 -1.96 18.99 -7.58
CA VAL A 240 -2.96 17.96 -7.34
C VAL A 240 -2.92 16.89 -8.39
N ASN A 241 -3.35 15.69 -7.97
CA ASN A 241 -3.59 14.58 -8.90
C ASN A 241 -5.08 14.35 -8.88
N ILE A 242 -5.71 14.53 -10.04
CA ILE A 242 -7.19 14.54 -10.18
C ILE A 242 -7.74 13.16 -10.49
N GLY A 243 -6.83 12.20 -10.67
CA GLY A 243 -7.23 10.81 -10.80
C GLY A 243 -7.54 10.54 -12.25
N MET A 244 -8.74 10.03 -12.48
CA MET A 244 -9.32 9.80 -13.77
C MET A 244 -8.79 8.53 -14.34
N ASP A 245 -8.21 7.68 -13.49
CA ASP A 245 -7.86 6.31 -13.93
C ASP A 245 -9.08 5.39 -14.02
N GLU A 246 -9.01 4.40 -14.90
CA GLU A 246 -9.89 3.22 -14.87
C GLU A 246 -11.41 3.48 -14.79
N ALA A 247 -11.96 4.12 -15.81
CA ALA A 247 -13.38 4.35 -15.89
C ALA A 247 -13.91 3.67 -17.16
N HIS A 248 -13.83 2.34 -17.21
CA HIS A 248 -14.15 1.58 -18.43
C HIS A 248 -15.40 2.09 -19.09
N LEU A 249 -16.43 2.33 -18.27
CA LEU A 249 -17.78 2.60 -18.72
C LEU A 249 -18.21 4.08 -18.80
N VAL A 250 -17.25 5.00 -18.70
CA VAL A 250 -17.56 6.45 -18.88
C VAL A 250 -18.61 6.68 -19.95
N GLY A 251 -19.66 7.39 -19.58
CA GLY A 251 -20.82 7.62 -20.44
C GLY A 251 -21.32 6.36 -21.10
N LEU A 252 -21.69 5.34 -20.32
CA LEU A 252 -22.39 4.19 -20.90
C LEU A 252 -23.63 3.78 -20.12
N GLY A 253 -23.91 4.43 -18.99
CA GLY A 253 -25.09 4.13 -18.19
C GLY A 253 -26.00 5.33 -18.34
N ARG A 254 -26.18 6.09 -17.26
CA ARG A 254 -27.04 7.30 -17.24
C ARG A 254 -26.68 8.39 -18.27
N TYR A 255 -25.41 8.44 -18.70
CA TYR A 255 -25.02 9.32 -19.80
C TYR A 255 -25.72 8.88 -21.08
N LEU A 256 -25.40 7.67 -21.53
CA LEU A 256 -26.05 7.09 -22.71
C LEU A 256 -27.57 7.32 -22.67
N ILE A 257 -28.17 7.13 -21.48
CA ILE A 257 -29.61 7.34 -21.32
C ILE A 257 -30.05 8.80 -21.62
N LEU A 258 -29.35 9.79 -21.08
CA LEU A 258 -29.77 11.19 -21.23
C LEU A 258 -29.21 11.95 -22.45
N ASN A 259 -28.01 11.62 -22.91
CA ASN A 259 -27.36 12.38 -23.99
C ASN A 259 -26.32 11.58 -24.78
N ARG A 264 -16.53 10.32 -27.07
CA ARG A 264 -16.16 9.55 -25.88
C ARG A 264 -14.64 9.60 -25.61
N LEU A 266 -12.55 12.14 -25.82
CA LEU A 266 -13.56 12.97 -26.49
C LEU A 266 -14.52 13.62 -25.46
N LEU A 267 -15.54 12.88 -25.05
CA LEU A 267 -16.23 13.14 -23.77
C LEU A 267 -15.24 13.35 -22.60
N MET A 268 -14.21 12.51 -22.53
CA MET A 268 -13.21 12.59 -21.45
C MET A 268 -12.55 13.94 -21.38
N CYS A 269 -12.18 14.44 -22.56
CA CYS A 269 -11.51 15.73 -22.72
C CYS A 269 -12.45 16.85 -22.30
N GLN A 270 -13.70 16.77 -22.73
CA GLN A 270 -14.73 17.71 -22.28
C GLN A 270 -14.75 17.71 -20.78
N HIS A 271 -14.90 16.52 -20.19
CA HIS A 271 -14.89 16.41 -18.74
C HIS A 271 -13.59 16.99 -18.17
N LEU A 272 -12.46 16.58 -18.75
CA LEU A 272 -11.16 17.02 -18.28
C LEU A 272 -10.89 18.55 -18.32
N GLU A 273 -11.26 19.19 -19.43
CA GLU A 273 -11.02 20.63 -19.59
C GLU A 273 -11.80 21.36 -18.51
N ARG A 274 -13.05 20.92 -18.32
CA ARG A 274 -13.91 21.41 -17.25
C ARG A 274 -13.26 21.30 -15.86
N VAL A 275 -12.80 20.08 -15.52
CA VAL A 275 -12.09 19.86 -14.25
C VAL A 275 -10.90 20.82 -14.25
N LEU A 276 -10.10 20.83 -15.31
CA LEU A 276 -9.01 21.83 -15.40
C LEU A 276 -9.46 23.31 -15.18
N ASP A 277 -10.58 23.73 -15.83
CA ASP A 277 -11.09 25.12 -15.63
C ASP A 277 -11.41 25.34 -14.18
N ILE A 278 -12.02 24.35 -13.54
CA ILE A 278 -12.28 24.46 -12.12
C ILE A 278 -11.00 24.67 -11.32
N ALA A 279 -9.98 23.84 -11.58
CA ALA A 279 -8.67 23.86 -10.83
C ALA A 279 -7.92 25.14 -11.05
N ASP A 280 -7.81 25.50 -12.32
CA ASP A 280 -7.22 26.79 -12.71
C ASP A 280 -7.95 27.96 -12.04
N LYS A 281 -9.24 27.83 -11.69
CA LYS A 281 -9.93 28.89 -10.88
C LYS A 281 -9.34 29.09 -9.46
N TYR A 282 -8.89 28.00 -8.84
CA TYR A 282 -8.37 28.01 -7.46
C TYR A 282 -6.83 28.02 -7.38
N GLY A 283 -6.17 28.00 -8.55
CA GLY A 283 -4.70 28.06 -8.68
C GLY A 283 -3.94 26.72 -8.80
N PHE A 284 -4.63 25.61 -9.03
CA PHE A 284 -3.98 24.29 -8.92
C PHE A 284 -3.35 23.88 -10.23
N HIS A 285 -2.17 23.27 -10.12
CA HIS A 285 -1.51 22.56 -11.24
C HIS A 285 -1.84 21.05 -11.17
N CYS A 286 -2.22 20.45 -12.29
CA CYS A 286 -2.86 19.16 -12.25
C CYS A 286 -2.03 18.06 -12.87
N GLN A 287 -2.00 16.92 -12.19
CA GLN A 287 -1.56 15.68 -12.81
C GLN A 287 -2.69 14.65 -12.72
N MET A 288 -2.62 13.63 -13.56
CA MET A 288 -3.63 12.57 -13.61
C MET A 288 -3.00 11.28 -14.13
N TRP A 289 -3.63 10.17 -13.76
CA TRP A 289 -3.14 8.85 -14.15
C TRP A 289 -3.37 8.75 -15.65
N SER A 290 -2.41 8.17 -16.35
CA SER A 290 -2.42 8.11 -17.84
C SER A 290 -3.46 7.21 -18.49
N ASP A 291 -3.75 6.08 -17.86
CA ASP A 291 -4.39 4.89 -18.50
C ASP A 291 -5.61 5.07 -19.44
N MET A 292 -6.49 6.02 -19.17
CA MET A 292 -7.67 6.26 -20.02
C MET A 292 -7.35 6.93 -21.37
N PHE A 293 -6.12 7.38 -21.55
CA PHE A 293 -5.67 8.04 -22.75
C PHE A 293 -4.90 7.03 -23.60
N ASP A 322 -1.89 19.38 -22.41
CA ASP A 322 -0.79 20.34 -22.22
C ASP A 322 -0.90 21.15 -20.92
N ARG A 323 -2.12 21.31 -20.42
CA ARG A 323 -2.33 21.87 -19.07
C ARG A 323 -2.26 20.83 -17.89
N VAL A 324 -1.88 19.59 -18.20
CA VAL A 324 -1.79 18.52 -17.21
C VAL A 324 -0.65 17.54 -17.43
N THR A 325 0.09 17.20 -16.36
CA THR A 325 1.02 16.06 -16.43
C THR A 325 0.26 14.76 -16.43
N LEU A 326 0.63 13.87 -17.32
CA LEU A 326 0.17 12.50 -17.24
C LEU A 326 1.14 11.65 -16.41
N VAL A 327 0.58 10.71 -15.62
CA VAL A 327 1.41 9.76 -14.85
C VAL A 327 1.22 8.30 -15.31
N TYR A 328 2.23 7.78 -16.00
CA TYR A 328 2.26 6.41 -16.47
C TYR A 328 2.54 5.58 -15.28
N TRP A 329 1.60 4.73 -14.91
CA TRP A 329 1.74 3.89 -13.68
C TRP A 329 1.95 2.46 -14.06
N ASP A 330 2.92 1.83 -13.43
CA ASP A 330 3.25 0.46 -13.76
C ASP A 330 3.97 -0.16 -12.60
N TYR A 331 3.38 -1.21 -12.05
CA TYR A 331 3.91 -1.84 -10.85
C TYR A 331 4.44 -3.23 -11.12
N TYR A 332 4.50 -3.63 -12.39
CA TYR A 332 4.52 -5.04 -12.76
C TYR A 332 5.72 -5.54 -13.57
N GLN A 333 6.34 -4.69 -14.39
CA GLN A 333 7.29 -5.21 -15.39
C GLN A 333 8.66 -5.56 -14.78
N ASP A 334 9.17 -6.73 -15.19
CA ASP A 334 10.44 -7.27 -14.72
C ASP A 334 11.65 -6.93 -15.61
N SER A 335 11.48 -6.00 -16.57
CA SER A 335 12.60 -5.56 -17.43
C SER A 335 12.54 -4.10 -17.94
N GLU A 336 13.72 -3.50 -18.06
CA GLU A 336 13.89 -2.22 -18.76
C GLU A 336 13.10 -2.08 -20.08
N GLU A 337 13.30 -3.03 -20.98
CA GLU A 337 12.54 -3.17 -22.23
C GLU A 337 11.06 -2.80 -22.07
N LYS A 338 10.36 -3.54 -21.20
CA LYS A 338 8.90 -3.41 -21.05
C LYS A 338 8.48 -1.97 -20.68
N TYR A 339 9.10 -1.41 -19.64
CA TYR A 339 8.84 -0.01 -19.30
C TYR A 339 9.24 0.90 -20.49
N ASN A 340 10.41 0.64 -21.09
CA ASN A 340 10.86 1.48 -22.19
C ASN A 340 9.82 1.58 -23.31
N ARG A 341 9.21 0.46 -23.66
CA ARG A 341 8.22 0.45 -24.74
C ARG A 341 7.03 1.35 -24.42
N ASN A 342 6.57 1.29 -23.16
CA ASN A 342 5.38 2.04 -22.76
C ASN A 342 5.69 3.52 -22.52
N PHE A 343 6.96 3.81 -22.25
CA PHE A 343 7.40 5.20 -22.20
C PHE A 343 7.36 5.81 -23.58
N ARG A 344 7.78 5.04 -24.57
CA ARG A 344 7.67 5.48 -25.96
C ARG A 344 6.22 5.87 -26.18
N ASN A 345 5.34 4.88 -26.00
CA ASN A 345 3.91 5.07 -26.29
C ASN A 345 3.30 6.25 -25.52
N HIS A 346 3.74 6.47 -24.28
CA HIS A 346 3.21 7.57 -23.46
C HIS A 346 3.64 8.97 -23.97
N HIS A 347 4.95 9.23 -23.97
CA HIS A 347 5.45 10.53 -24.46
C HIS A 347 4.63 10.92 -25.70
N LYS A 348 4.38 9.93 -26.57
CA LYS A 348 3.57 10.11 -27.80
C LYS A 348 2.16 10.69 -27.64
N ILE A 349 1.80 11.15 -26.44
CA ILE A 349 0.61 11.95 -26.20
C ILE A 349 1.00 13.26 -25.50
N ASP A 352 4.91 15.38 -21.29
CA ASP A 352 4.80 15.87 -19.92
C ASP A 352 4.39 14.73 -18.96
N LEU A 353 5.41 13.98 -18.50
CA LEU A 353 5.21 12.67 -17.84
C LEU A 353 5.92 12.52 -16.50
N ALA A 354 5.21 11.97 -15.52
CA ALA A 354 5.81 11.36 -14.32
C ALA A 354 5.62 9.83 -14.34
N PHE A 355 6.42 9.12 -13.56
CA PHE A 355 6.27 7.69 -13.38
C PHE A 355 5.77 7.38 -11.95
N ALA A 356 4.74 6.55 -11.83
CA ALA A 356 4.37 5.91 -10.53
C ALA A 356 4.82 4.46 -10.51
N GLY A 357 5.77 4.13 -9.65
CA GLY A 357 6.03 2.74 -9.34
C GLY A 357 5.24 2.28 -8.11
N GLY A 358 5.62 1.12 -7.59
CA GLY A 358 4.89 0.43 -6.57
C GLY A 358 5.68 -0.05 -5.37
N ALA A 359 5.21 0.33 -4.18
CA ALA A 359 5.56 -0.30 -2.92
C ALA A 359 4.46 -1.30 -2.53
N TRP A 360 4.59 -2.52 -3.00
CA TRP A 360 3.54 -3.52 -2.91
C TRP A 360 2.97 -3.75 -1.49
N LYS A 361 1.80 -3.17 -1.24
CA LYS A 361 1.19 -3.36 0.08
C LYS A 361 -0.30 -3.48 -0.03
N TRP A 362 -0.74 -4.00 -1.17
CA TRP A 362 -2.16 -4.05 -1.49
C TRP A 362 -2.63 -5.45 -1.79
N ILE A 363 -1.99 -6.46 -1.16
CA ILE A 363 -2.31 -7.82 -1.45
C ILE A 363 -2.65 -8.62 -0.21
N GLY A 364 -3.32 -8.00 0.74
CA GLY A 364 -3.79 -8.74 1.92
C GLY A 364 -3.19 -8.18 3.16
N PHE A 365 -2.54 -9.04 3.94
CA PHE A 365 -2.05 -8.64 5.27
C PHE A 365 -0.58 -8.30 5.28
N THR A 366 0.12 -8.81 4.26
CA THR A 366 1.58 -8.89 4.22
C THR A 366 2.11 -8.23 2.94
N PRO A 367 3.13 -7.36 3.03
CA PRO A 367 3.68 -6.74 1.80
C PRO A 367 4.52 -7.67 0.89
N HIS A 368 5.11 -7.07 -0.15
CA HIS A 368 6.07 -7.71 -1.00
C HIS A 368 7.19 -6.71 -1.35
N ASN A 369 7.95 -6.32 -0.33
CA ASN A 369 9.19 -5.56 -0.53
C ASN A 369 10.20 -6.18 -1.52
N HIS A 370 10.30 -7.50 -1.53
CA HIS A 370 11.24 -8.22 -2.40
C HIS A 370 10.87 -7.98 -3.80
N PHE A 371 9.62 -8.18 -4.12
CA PHE A 371 9.20 -7.93 -5.48
C PHE A 371 9.29 -6.43 -5.81
N SER A 372 9.10 -5.56 -4.82
CA SER A 372 9.17 -4.10 -5.07
C SER A 372 10.63 -3.74 -5.45
N ARG A 373 11.60 -4.40 -4.81
CA ARG A 373 13.03 -4.16 -5.10
C ARG A 373 13.30 -4.51 -6.55
N LEU A 374 13.00 -5.74 -6.91
CA LEU A 374 13.22 -6.21 -8.25
C LEU A 374 12.70 -5.25 -9.33
N VAL A 375 11.41 -4.95 -9.31
CA VAL A 375 10.84 -4.04 -10.33
C VAL A 375 11.40 -2.62 -10.19
N ALA A 376 11.78 -2.19 -9.00
CA ALA A 376 12.26 -0.80 -8.85
C ALA A 376 13.61 -0.63 -9.56
N ILE A 377 14.43 -1.65 -9.50
CA ILE A 377 15.73 -1.62 -10.16
C ILE A 377 15.56 -1.41 -11.68
N GLU A 378 14.68 -2.18 -12.31
CA GLU A 378 14.52 -2.08 -13.77
C GLU A 378 13.70 -0.85 -14.18
N ALA A 379 12.86 -0.31 -13.30
CA ALA A 379 12.05 0.87 -13.64
C ALA A 379 12.87 2.13 -13.46
N ASN A 380 13.81 2.08 -12.54
CA ASN A 380 14.78 3.15 -12.39
C ASN A 380 15.65 3.34 -13.67
N LYS A 381 16.12 2.23 -14.22
CA LYS A 381 16.87 2.23 -15.48
C LYS A 381 16.05 2.76 -16.66
N ALA A 382 14.77 2.36 -16.72
CA ALA A 382 13.86 2.90 -17.71
C ALA A 382 13.54 4.39 -17.47
N CYS A 383 13.30 4.76 -16.21
CA CYS A 383 13.04 6.17 -15.88
C CYS A 383 14.18 7.07 -16.38
N ARG A 384 15.42 6.76 -16.00
CA ARG A 384 16.58 7.56 -16.40
C ARG A 384 16.83 7.57 -17.93
N ALA A 385 16.65 6.43 -18.59
CA ALA A 385 16.84 6.37 -20.06
C ALA A 385 15.72 7.07 -20.81
N ASN A 386 14.75 7.58 -20.08
CA ASN A 386 13.71 8.40 -20.66
C ASN A 386 13.61 9.72 -19.95
N GLN A 387 14.70 10.11 -19.27
CA GLN A 387 14.79 11.36 -18.50
C GLN A 387 13.48 11.80 -17.87
N ILE A 388 12.82 10.83 -17.25
CA ILE A 388 11.66 11.11 -16.42
C ILE A 388 12.13 11.88 -15.20
N LYS A 389 11.51 13.05 -14.98
CA LYS A 389 11.92 13.96 -13.90
C LYS A 389 11.22 13.72 -12.55
N GLU A 390 10.10 12.99 -12.56
CA GLU A 390 9.29 12.79 -11.35
C GLU A 390 8.84 11.36 -11.19
N VAL A 391 9.14 10.77 -10.03
CA VAL A 391 8.71 9.40 -9.77
C VAL A 391 7.83 9.41 -8.55
N ILE A 392 6.73 8.68 -8.62
CA ILE A 392 5.82 8.53 -7.49
C ILE A 392 5.81 7.09 -7.04
N VAL A 393 6.08 6.88 -5.76
CA VAL A 393 5.98 5.57 -5.14
C VAL A 393 4.64 5.40 -4.48
N THR A 394 3.82 4.53 -5.08
CA THR A 394 2.46 4.26 -4.65
C THR A 394 2.35 3.09 -3.68
N GLY A 395 1.65 3.33 -2.56
CA GLY A 395 1.27 2.28 -1.60
C GLY A 395 -0.22 2.03 -1.52
N TRP A 396 -0.77 1.33 -2.52
CA TRP A 396 -2.20 1.08 -2.53
C TRP A 396 -2.61 0.06 -1.42
N GLY A 397 -3.90 -0.01 -1.17
CA GLY A 397 -4.42 -0.88 -0.10
C GLY A 397 -5.61 -1.68 -0.53
N ASP A 398 -5.65 -2.07 -1.80
CA ASP A 398 -6.74 -2.84 -2.36
C ASP A 398 -7.53 -3.68 -1.39
N ASN A 399 -8.87 -3.47 -1.37
CA ASN A 399 -9.81 -4.41 -0.78
C ASN A 399 -9.76 -4.51 0.75
N GLY A 400 -9.63 -3.41 1.46
CA GLY A 400 -9.67 -3.46 2.92
C GLY A 400 -8.54 -2.76 3.66
N GLY A 401 -7.48 -2.41 2.95
CA GLY A 401 -6.32 -1.76 3.60
C GLY A 401 -5.70 -2.56 4.77
N GLU A 402 -5.62 -3.87 4.59
CA GLU A 402 -5.31 -4.82 5.67
C GLU A 402 -3.82 -4.97 5.91
N THR A 403 -2.98 -4.38 5.04
CA THR A 403 -1.53 -4.47 5.19
C THR A 403 -1.07 -3.27 5.98
N ALA A 404 -0.05 -3.41 6.83
CA ALA A 404 0.38 -2.31 7.66
C ALA A 404 0.96 -1.16 6.83
N GLN A 405 0.62 0.06 7.25
CA GLN A 405 1.13 1.30 6.68
C GLN A 405 2.65 1.39 6.66
N PHE A 406 3.30 0.92 7.72
CA PHE A 406 4.76 0.97 7.80
C PHE A 406 5.47 -0.28 7.31
N SER A 407 4.71 -1.17 6.70
CA SER A 407 5.18 -2.46 6.08
C SER A 407 6.24 -2.32 4.99
N ILE A 408 6.19 -1.18 4.30
CA ILE A 408 6.96 -1.03 3.03
C ILE A 408 8.12 -0.04 3.11
N LEU A 409 8.57 0.27 4.34
CA LEU A 409 9.75 1.15 4.49
C LEU A 409 11.00 0.74 3.66
N PRO A 410 11.25 -0.58 3.50
CA PRO A 410 12.38 -0.93 2.63
C PRO A 410 12.16 -0.50 1.19
N SER A 411 10.93 -0.65 0.68
CA SER A 411 10.62 -0.24 -0.66
C SER A 411 10.88 1.24 -0.81
N LEU A 412 10.65 2.02 0.25
CA LEU A 412 10.80 3.47 0.19
C LEU A 412 12.27 3.86 0.20
N GLN A 413 13.07 3.17 1.00
CA GLN A 413 14.52 3.42 1.01
C GLN A 413 15.08 3.03 -0.34
N ILE A 414 14.62 1.92 -0.88
CA ILE A 414 15.14 1.44 -2.15
C ILE A 414 15.01 2.52 -3.24
N TRP A 415 13.82 3.10 -3.37
CA TRP A 415 13.58 4.09 -4.41
C TRP A 415 14.42 5.33 -4.23
N ALA A 416 14.68 5.68 -2.97
CA ALA A 416 15.44 6.89 -2.65
C ALA A 416 16.89 6.69 -3.08
N GLU A 417 17.46 5.57 -2.66
CA GLU A 417 18.80 5.19 -3.07
C GLU A 417 18.96 5.15 -4.59
N LEU A 418 18.01 4.54 -5.26
CA LEU A 418 18.06 4.49 -6.72
C LEU A 418 18.03 5.89 -7.31
N SER A 419 17.31 6.82 -6.68
CA SER A 419 17.23 8.17 -7.19
C SER A 419 18.55 8.90 -6.90
N TYR A 420 19.03 8.79 -5.67
CA TYR A 420 20.20 9.58 -5.23
C TYR A 420 21.56 8.98 -5.63
N ARG A 421 21.61 7.68 -5.92
CA ARG A 421 22.87 7.00 -6.28
C ARG A 421 22.84 6.10 -7.51
N ASN A 422 21.65 5.78 -8.02
CA ASN A 422 21.51 4.84 -9.14
C ASN A 422 21.99 3.48 -8.74
N ASP A 423 21.96 3.20 -7.44
CA ASP A 423 22.34 1.88 -6.94
C ASP A 423 21.93 1.74 -5.48
N LEU A 424 21.98 0.50 -5.04
CA LEU A 424 21.60 0.13 -3.68
C LEU A 424 22.84 -0.16 -2.87
N ASP A 425 23.93 0.52 -3.17
CA ASP A 425 25.17 0.33 -2.42
C ASP A 425 25.05 0.66 -0.90
N GLY A 426 24.38 1.75 -0.51
CA GLY A 426 24.27 2.09 0.92
C GLY A 426 22.88 1.83 1.52
N LEU A 427 22.12 0.92 0.93
CA LEU A 427 20.71 0.71 1.35
C LEU A 427 20.58 0.30 2.81
N SER A 428 21.22 -0.81 3.19
CA SER A 428 21.03 -1.34 4.55
C SER A 428 21.61 -0.40 5.53
N ALA A 429 22.72 0.20 5.13
CA ALA A 429 23.42 1.15 5.99
C ALA A 429 22.47 2.31 6.36
N HIS A 430 21.94 2.97 5.36
CA HIS A 430 21.01 4.08 5.57
C HIS A 430 19.70 3.63 6.23
N PHE A 431 19.25 2.44 5.86
CA PHE A 431 18.00 1.94 6.39
C PHE A 431 18.11 1.73 7.88
N LYS A 432 19.19 1.10 8.32
CA LYS A 432 19.38 0.85 9.75
C LYS A 432 19.44 2.13 10.57
N THR A 433 20.14 3.14 10.07
CA THR A 433 20.21 4.40 10.81
C THR A 433 18.84 5.07 10.88
N ASN A 434 18.03 4.96 9.82
CA ASN A 434 16.65 5.51 9.82
C ASN A 434 15.60 4.73 10.62
N THR A 435 15.74 3.40 10.65
CA THR A 435 14.74 2.53 11.30
C THR A 435 15.23 1.86 12.58
N GLY A 436 16.54 1.76 12.74
CA GLY A 436 17.12 0.97 13.80
C GLY A 436 17.10 -0.52 13.50
N LEU A 437 16.99 -0.91 12.23
CA LEU A 437 17.22 -2.28 11.88
C LEU A 437 17.70 -2.49 10.44
N THR A 438 18.31 -3.65 10.21
CA THR A 438 18.90 -3.92 8.92
C THR A 438 17.75 -4.12 7.95
N VAL A 439 17.99 -3.78 6.68
CA VAL A 439 17.03 -3.98 5.66
C VAL A 439 16.73 -5.45 5.34
N GLU A 440 17.65 -6.39 5.60
CA GLU A 440 17.34 -7.82 5.41
C GLU A 440 16.33 -8.27 6.45
N ASP A 441 16.49 -7.80 7.68
CA ASP A 441 15.60 -8.17 8.73
C ASP A 441 14.20 -7.61 8.48
N PHE A 442 14.12 -6.30 8.28
CA PHE A 442 12.87 -5.68 8.07
C PHE A 442 12.12 -6.42 6.95
N MET A 443 12.82 -6.70 5.85
CA MET A 443 12.22 -7.31 4.69
C MET A 443 11.76 -8.75 4.92
N GLN A 444 12.03 -9.32 6.09
CA GLN A 444 11.45 -10.62 6.40
C GLN A 444 9.93 -10.51 6.67
N ILE A 445 9.47 -9.30 6.95
CA ILE A 445 8.03 -8.98 6.92
C ILE A 445 7.29 -9.59 5.73
N ASP A 446 7.93 -9.73 4.56
CA ASP A 446 7.24 -10.36 3.44
C ASP A 446 7.02 -11.90 3.54
N LEU A 447 7.54 -12.57 4.56
CA LEU A 447 7.67 -14.07 4.54
C LEU A 447 6.44 -14.85 4.14
N ALA A 448 5.30 -14.52 4.72
CA ALA A 448 4.04 -15.18 4.35
C ALA A 448 3.70 -15.16 2.85
N ASN A 449 4.39 -14.34 2.07
CA ASN A 449 4.22 -14.34 0.61
C ASN A 449 5.33 -15.07 -0.11
N LEU A 450 6.45 -15.30 0.57
CA LEU A 450 7.64 -15.78 -0.15
C LEU A 450 7.71 -17.29 -0.23
N LEU A 451 6.79 -17.92 -0.95
CA LEU A 451 6.89 -19.38 -1.04
C LEU A 451 8.15 -19.76 -1.84
N PRO A 452 8.87 -20.81 -1.40
CA PRO A 452 10.20 -21.08 -1.93
C PRO A 452 10.25 -21.56 -3.37
N ASP A 453 9.12 -21.97 -3.95
CA ASP A 453 9.09 -22.36 -5.37
C ASP A 453 8.63 -21.25 -6.32
N LEU A 454 8.56 -20.03 -5.83
CA LEU A 454 8.05 -18.97 -6.68
C LEU A 454 9.24 -18.25 -7.23
N PRO A 455 9.15 -17.81 -8.48
CA PRO A 455 10.21 -16.97 -8.99
C PRO A 455 9.94 -15.54 -8.54
N GLY A 456 10.97 -14.81 -8.14
CA GLY A 456 10.76 -13.44 -7.70
C GLY A 456 10.30 -12.42 -8.73
N ASN A 457 9.94 -12.84 -9.94
CA ASN A 457 9.58 -11.87 -10.97
C ASN A 457 8.14 -11.91 -11.43
N LEU A 458 7.34 -12.77 -10.82
CA LEU A 458 5.89 -12.80 -11.07
C LEU A 458 5.18 -12.14 -9.89
N SER A 459 4.28 -11.19 -10.18
CA SER A 459 3.67 -10.32 -9.13
C SER A 459 2.33 -10.81 -8.57
N GLY A 460 2.00 -10.34 -7.36
CA GLY A 460 0.66 -10.49 -6.81
C GLY A 460 0.33 -11.87 -6.31
N ILE A 461 1.35 -12.70 -6.07
CA ILE A 461 1.13 -14.03 -5.57
C ILE A 461 1.04 -13.86 -4.07
N ASN A 462 -0.15 -14.09 -3.50
CA ASN A 462 -0.51 -13.62 -2.15
C ASN A 462 -1.16 -14.64 -1.21
N PRO A 463 -0.51 -15.83 -1.00
CA PRO A 463 -1.09 -16.81 -0.09
C PRO A 463 -1.32 -16.28 1.29
N ASN A 464 -0.53 -15.28 1.71
CA ASN A 464 -0.73 -14.66 3.01
C ASN A 464 -2.22 -14.47 3.22
N ARG A 465 -2.91 -14.10 2.16
CA ARG A 465 -4.30 -13.65 2.28
C ARG A 465 -5.28 -14.76 1.93
N TYR A 466 -5.08 -15.43 0.80
CA TYR A 466 -6.04 -16.45 0.44
C TYR A 466 -5.90 -17.73 1.25
N VAL A 467 -4.78 -17.94 1.92
CA VAL A 467 -4.72 -19.08 2.83
C VAL A 467 -5.51 -18.73 4.07
N PHE A 468 -5.42 -17.49 4.51
CA PHE A 468 -6.12 -17.09 5.75
C PHE A 468 -7.68 -17.12 5.61
N TYR A 469 -8.24 -16.38 4.65
CA TYR A 469 -9.70 -16.25 4.51
C TYR A 469 -10.43 -17.42 3.85
N GLN A 470 -9.70 -18.45 3.42
CA GLN A 470 -10.32 -19.62 2.74
C GLN A 470 -11.22 -20.28 3.73
N ASP A 471 -12.29 -20.87 3.22
CA ASP A 471 -13.20 -21.68 4.01
C ASP A 471 -12.48 -22.98 4.31
N ILE A 472 -12.98 -23.67 5.33
CA ILE A 472 -12.49 -24.99 5.76
C ILE A 472 -13.24 -26.12 5.03
N LEU A 473 -14.58 -26.11 5.14
CA LEU A 473 -15.43 -27.09 4.50
C LEU A 473 -15.35 -26.98 3.01
N CYS A 474 -15.27 -25.77 2.48
CA CYS A 474 -15.35 -25.57 1.01
C CYS A 474 -14.12 -24.81 0.55
N PRO A 475 -12.96 -25.48 0.51
CA PRO A 475 -11.71 -24.75 0.37
C PRO A 475 -11.27 -24.55 -1.05
N ILE A 476 -11.80 -23.49 -1.64
CA ILE A 476 -11.84 -23.37 -3.06
C ILE A 476 -10.49 -23.04 -3.64
N LEU A 477 -9.55 -22.64 -2.80
CA LEU A 477 -8.20 -22.43 -3.24
C LEU A 477 -7.28 -23.65 -2.92
N ASP A 478 -7.84 -24.83 -2.64
CA ASP A 478 -7.01 -25.92 -2.19
C ASP A 478 -6.04 -26.46 -3.27
N GLN A 479 -6.40 -26.30 -4.52
CA GLN A 479 -5.53 -26.63 -5.64
C GLN A 479 -4.30 -25.77 -5.73
N HIS A 480 -4.23 -24.67 -4.98
CA HIS A 480 -3.09 -23.76 -5.07
C HIS A 480 -2.12 -23.85 -3.90
N MET A 481 -2.32 -24.87 -3.07
CA MET A 481 -1.46 -25.12 -1.94
C MET A 481 -0.53 -26.30 -2.25
N THR A 482 0.63 -26.30 -1.60
CA THR A 482 1.65 -27.33 -1.72
C THR A 482 2.12 -27.57 -0.30
N PRO A 483 1.33 -28.26 0.52
CA PRO A 483 1.57 -28.18 1.97
C PRO A 483 2.96 -28.63 2.44
N GLU A 484 3.53 -29.63 1.80
CA GLU A 484 4.88 -30.17 2.17
C GLU A 484 5.97 -29.11 2.06
N GLN A 485 5.82 -28.25 1.05
CA GLN A 485 6.67 -27.08 0.86
C GLN A 485 6.10 -25.88 1.61
N ASP A 486 4.77 -25.75 1.73
CA ASP A 486 4.14 -24.55 2.36
C ASP A 486 4.12 -24.57 3.88
N LYS A 487 3.69 -25.69 4.44
CA LYS A 487 3.60 -25.83 5.90
C LYS A 487 4.91 -25.50 6.62
N PRO A 488 6.06 -26.07 6.19
CA PRO A 488 7.30 -25.70 6.87
C PRO A 488 7.73 -24.22 6.71
N HIS A 489 7.52 -23.63 5.52
CA HIS A 489 7.85 -22.21 5.30
C HIS A 489 7.18 -21.31 6.35
N PHE A 490 5.90 -21.53 6.54
CA PHE A 490 5.09 -20.69 7.42
C PHE A 490 5.53 -20.86 8.84
N ALA A 491 5.88 -22.09 9.21
CA ALA A 491 6.21 -22.38 10.63
C ALA A 491 7.46 -21.67 11.03
N GLN A 492 8.51 -21.91 10.29
CA GLN A 492 9.81 -21.31 10.55
C GLN A 492 9.82 -19.81 10.35
N ALA A 493 8.87 -19.31 9.53
CA ALA A 493 8.79 -17.89 9.24
C ALA A 493 8.24 -17.23 10.49
N ALA A 494 7.25 -17.87 11.10
CA ALA A 494 6.77 -17.43 12.40
C ALA A 494 7.92 -17.32 13.39
N GLU A 495 8.88 -18.25 13.30
CA GLU A 495 10.08 -18.28 14.17
C GLU A 495 11.02 -17.13 13.88
N THR A 496 11.42 -17.01 12.64
CA THR A 496 12.19 -15.87 12.20
C THR A 496 11.54 -14.54 12.61
N LEU A 497 10.21 -14.45 12.50
CA LEU A 497 9.55 -13.15 12.70
C LEU A 497 9.44 -12.77 14.16
N ALA A 498 9.32 -13.78 15.01
CA ALA A 498 9.38 -13.56 16.47
C ALA A 498 10.75 -13.05 16.93
N ASN A 499 11.78 -13.57 16.30
CA ASN A 499 13.13 -13.12 16.51
C ASN A 499 13.22 -11.64 16.24
N ILE A 500 12.88 -11.27 14.99
CA ILE A 500 13.00 -9.89 14.50
C ILE A 500 12.13 -8.92 15.29
N LYS A 501 10.94 -9.36 15.63
CA LYS A 501 10.05 -8.60 16.47
C LYS A 501 10.81 -8.03 17.67
N GLU A 502 11.57 -8.90 18.33
CA GLU A 502 12.29 -8.54 19.55
C GLU A 502 13.37 -7.46 19.36
N LYS A 503 13.86 -7.27 18.13
CA LYS A 503 14.82 -6.19 17.87
C LYS A 503 14.24 -5.05 17.06
N ALA A 504 12.96 -5.11 16.77
CA ALA A 504 12.38 -4.19 15.81
C ALA A 504 11.97 -2.87 16.46
N GLY A 505 11.93 -2.85 17.79
CA GLY A 505 11.71 -1.62 18.53
C GLY A 505 10.28 -1.17 18.30
N ASN A 506 10.11 0.12 18.06
CA ASN A 506 8.79 0.67 17.78
C ASN A 506 8.07 0.02 16.62
N TYR A 507 8.80 -0.57 15.68
CA TYR A 507 8.20 -1.31 14.58
C TYR A 507 7.80 -2.74 14.96
N ALA A 508 7.89 -3.11 16.24
CA ALA A 508 7.78 -4.54 16.56
C ALA A 508 6.38 -5.06 16.23
N TYR A 509 5.39 -4.19 16.48
CA TYR A 509 3.98 -4.48 16.17
C TYR A 509 3.79 -5.03 14.76
N LEU A 510 4.55 -4.49 13.79
CA LEU A 510 4.50 -5.01 12.42
C LEU A 510 4.85 -6.49 12.38
N PHE A 511 5.92 -6.90 13.06
CA PHE A 511 6.41 -8.29 12.95
C PHE A 511 5.61 -9.23 13.86
N GLU A 512 5.18 -8.73 15.01
CA GLU A 512 4.32 -9.51 15.85
C GLU A 512 3.12 -10.01 15.04
N THR A 513 2.47 -9.10 14.30
CA THR A 513 1.37 -9.48 13.44
C THR A 513 1.80 -10.55 12.39
N GLN A 514 2.95 -10.41 11.79
CA GLN A 514 3.28 -11.40 10.73
C GLN A 514 3.66 -12.76 11.31
N ALA A 515 4.23 -12.75 12.52
CA ALA A 515 4.56 -14.02 13.15
C ALA A 515 3.27 -14.81 13.47
N GLN A 516 2.28 -14.20 14.09
CA GLN A 516 1.04 -14.94 14.32
C GLN A 516 0.39 -15.38 13.02
N LEU A 517 0.56 -14.60 11.97
CA LEU A 517 -0.12 -14.93 10.76
C LEU A 517 0.53 -16.20 10.28
N ASN A 518 1.85 -16.17 10.15
CA ASN A 518 2.58 -17.33 9.62
C ASN A 518 2.27 -18.57 10.44
N ALA A 519 2.16 -18.41 11.74
CA ALA A 519 1.78 -19.55 12.58
C ALA A 519 0.42 -20.11 12.16
N ILE A 520 -0.58 -19.26 12.05
CA ILE A 520 -1.89 -19.70 11.63
C ILE A 520 -1.81 -20.41 10.27
N LEU A 521 -1.02 -19.87 9.36
CA LEU A 521 -0.95 -20.39 8.00
C LEU A 521 -0.30 -21.78 7.90
N SER A 522 0.70 -22.08 8.72
CA SER A 522 1.31 -23.46 8.70
C SER A 522 0.26 -24.56 8.89
N SER A 523 -0.61 -24.33 9.86
CA SER A 523 -1.74 -25.22 10.18
C SER A 523 -2.85 -25.15 9.12
N LYS A 524 -3.21 -23.92 8.73
CA LYS A 524 -4.43 -23.72 8.00
C LYS A 524 -4.25 -24.10 6.57
N VAL A 525 -3.02 -24.02 6.11
CA VAL A 525 -2.76 -24.24 4.72
C VAL A 525 -3.36 -25.57 4.21
N ASP A 526 -3.51 -26.58 5.06
CA ASP A 526 -4.07 -27.87 4.58
C ASP A 526 -5.07 -28.61 5.49
N VAL A 527 -5.55 -27.96 6.55
CA VAL A 527 -6.63 -28.54 7.33
C VAL A 527 -7.81 -28.93 6.39
N GLY A 528 -8.28 -27.99 5.56
CA GLY A 528 -9.32 -28.29 4.56
C GLY A 528 -9.06 -29.58 3.76
N ARG A 529 -7.82 -29.83 3.36
CA ARG A 529 -7.46 -31.04 2.57
C ARG A 529 -7.46 -32.32 3.40
N ARG A 530 -6.92 -32.20 4.61
CA ARG A 530 -6.85 -33.27 5.57
C ARG A 530 -8.22 -33.67 6.09
N ILE A 531 -9.11 -32.69 6.25
CA ILE A 531 -10.50 -33.00 6.45
C ILE A 531 -10.99 -33.86 5.30
N ARG A 532 -10.70 -33.47 4.08
CA ARG A 532 -11.20 -34.24 2.94
C ARG A 532 -10.59 -35.65 2.85
N GLN A 533 -9.30 -35.76 3.17
CA GLN A 533 -8.63 -37.05 3.21
C GLN A 533 -9.20 -37.90 4.35
N ALA A 534 -9.22 -37.38 5.57
CA ALA A 534 -9.73 -38.15 6.72
C ALA A 534 -11.17 -38.62 6.60
N TYR A 535 -11.91 -38.08 5.63
CA TYR A 535 -13.36 -38.32 5.40
C TYR A 535 -13.63 -39.32 4.29
N GLN A 536 -12.81 -39.31 3.23
CA GLN A 536 -12.95 -40.30 2.17
C GLN A 536 -12.32 -41.64 2.59
N ALA A 537 -11.46 -41.60 3.61
CA ALA A 537 -10.85 -42.78 4.22
C ALA A 537 -11.49 -43.15 5.55
N ASP A 538 -12.64 -42.55 5.86
CA ASP A 538 -13.47 -42.95 7.02
C ASP A 538 -12.78 -42.93 8.40
N ASP A 539 -11.69 -42.18 8.53
CA ASP A 539 -10.88 -42.18 9.75
C ASP A 539 -11.48 -41.29 10.86
N LYS A 540 -12.30 -41.91 11.71
CA LYS A 540 -12.90 -41.29 12.91
C LYS A 540 -11.93 -40.79 14.00
N GLU A 541 -10.66 -41.20 13.95
CA GLU A 541 -9.67 -40.62 14.87
C GLU A 541 -9.35 -39.18 14.43
N SER A 542 -8.93 -39.04 13.17
CA SER A 542 -8.48 -37.76 12.61
C SER A 542 -9.62 -36.71 12.56
N LEU A 543 -10.76 -37.04 11.98
CA LEU A 543 -11.87 -36.11 11.93
C LEU A 543 -12.25 -35.64 13.33
N GLN A 544 -12.29 -36.54 14.30
CA GLN A 544 -12.63 -36.14 15.68
C GLN A 544 -11.56 -35.18 16.23
N GLN A 545 -10.31 -35.41 15.84
CA GLN A 545 -9.14 -34.63 16.31
C GLN A 545 -9.16 -33.21 15.79
N ILE A 546 -9.31 -33.12 14.46
CA ILE A 546 -9.43 -31.85 13.74
C ILE A 546 -10.57 -31.10 14.34
N ALA A 547 -11.69 -31.77 14.53
CA ALA A 547 -12.92 -31.11 14.98
C ALA A 547 -12.93 -30.64 16.43
N ARG A 548 -12.32 -31.41 17.34
CA ARG A 548 -12.41 -31.10 18.78
C ARG A 548 -11.17 -30.40 19.36
N GLN A 549 -10.07 -30.44 18.60
CA GLN A 549 -8.78 -29.93 19.07
C GLN A 549 -8.13 -28.89 18.12
N GLU A 550 -8.04 -29.22 16.84
CA GLU A 550 -7.34 -28.35 15.90
C GLU A 550 -8.17 -27.12 15.42
N LEU A 551 -9.44 -27.33 15.02
CA LEU A 551 -10.30 -26.19 14.66
C LEU A 551 -10.54 -25.23 15.79
N PRO A 552 -10.80 -25.73 17.02
CA PRO A 552 -10.96 -24.76 18.10
C PRO A 552 -9.68 -24.00 18.38
N GLU A 553 -8.56 -24.57 17.94
CA GLU A 553 -7.27 -24.00 18.28
C GLU A 553 -7.01 -22.88 17.32
N LEU A 554 -7.25 -23.20 16.03
CA LEU A 554 -7.23 -22.26 14.91
C LEU A 554 -8.03 -20.99 15.18
N ARG A 555 -9.21 -21.16 15.76
CA ARG A 555 -10.05 -20.05 16.17
C ARG A 555 -9.39 -19.22 17.19
N SER A 556 -8.77 -19.87 18.17
CA SER A 556 -7.99 -19.17 19.20
C SER A 556 -6.84 -18.38 18.60
N GLN A 557 -5.98 -19.03 17.81
CA GLN A 557 -4.93 -18.33 17.11
C GLN A 557 -5.54 -17.16 16.29
N ILE A 558 -6.66 -17.40 15.63
CA ILE A 558 -7.22 -16.37 14.76
C ILE A 558 -7.70 -15.18 15.61
N GLU A 559 -8.27 -15.47 16.80
CA GLU A 559 -8.67 -14.40 17.75
C GLU A 559 -7.44 -13.58 18.13
N ASP A 560 -6.31 -14.27 18.37
CA ASP A 560 -5.08 -13.60 18.76
C ASP A 560 -4.66 -12.71 17.62
N PHE A 561 -4.60 -13.26 16.42
CA PHE A 561 -4.23 -12.44 15.25
C PHE A 561 -5.13 -11.20 15.16
N HIS A 562 -6.41 -11.38 15.37
CA HIS A 562 -7.35 -10.27 15.29
C HIS A 562 -6.98 -9.15 16.24
N ALA A 563 -6.54 -9.54 17.41
CA ALA A 563 -6.16 -8.61 18.47
C ALA A 563 -4.94 -7.80 18.08
N LEU A 564 -3.93 -8.50 17.55
CA LEU A 564 -2.69 -7.90 17.07
C LEU A 564 -2.94 -7.04 15.85
N PHE A 565 -3.88 -7.44 14.99
CA PHE A 565 -4.20 -6.65 13.80
C PHE A 565 -4.81 -5.34 14.25
N SER A 566 -5.66 -5.44 15.26
CA SER A 566 -6.46 -4.33 15.70
C SER A 566 -5.59 -3.25 16.31
N HIS A 567 -4.59 -3.71 17.04
CA HIS A 567 -3.60 -2.84 17.63
C HIS A 567 -2.74 -2.18 16.59
N GLN A 568 -2.29 -2.96 15.60
CA GLN A 568 -1.55 -2.44 14.48
C GLN A 568 -2.40 -1.39 13.77
N TRP A 569 -3.67 -1.72 13.60
CA TRP A 569 -4.57 -0.85 12.87
C TRP A 569 -4.72 0.47 13.58
N LEU A 570 -5.06 0.41 14.84
CA LEU A 570 -5.33 1.62 15.60
C LEU A 570 -4.08 2.45 15.80
N LYS A 571 -2.91 1.83 15.76
CA LYS A 571 -1.68 2.60 15.91
C LYS A 571 -1.50 3.47 14.67
N GLU A 572 -1.74 2.88 13.51
CA GLU A 572 -1.46 3.56 12.28
C GLU A 572 -2.65 4.37 11.78
N ASN A 573 -3.86 3.80 11.84
CA ASN A 573 -5.01 4.44 11.20
C ASN A 573 -6.04 4.87 12.22
N LYS A 574 -7.04 5.59 11.74
CA LYS A 574 -8.23 5.93 12.48
C LYS A 574 -9.07 4.66 12.62
N VAL A 575 -9.99 4.70 13.57
CA VAL A 575 -10.87 3.59 13.89
C VAL A 575 -11.72 3.23 12.70
N PHE A 576 -12.04 4.18 11.82
CA PHE A 576 -13.00 3.89 10.75
C PHE A 576 -12.40 2.96 9.67
N GLY A 577 -13.16 1.97 9.25
CA GLY A 577 -12.73 0.98 8.26
C GLY A 577 -12.28 -0.33 8.93
N LEU A 578 -11.98 -0.30 10.21
CA LEU A 578 -11.60 -1.52 10.92
C LEU A 578 -12.78 -2.48 10.94
N ASP A 579 -13.98 -1.92 10.97
CA ASP A 579 -15.23 -2.68 10.96
C ASP A 579 -15.31 -3.70 9.84
N THR A 580 -14.79 -3.39 8.66
CA THR A 580 -14.78 -4.35 7.59
C THR A 580 -13.93 -5.54 7.98
N VAL A 581 -12.82 -5.29 8.68
CA VAL A 581 -11.98 -6.40 9.07
C VAL A 581 -12.60 -7.29 10.15
N ASP A 582 -13.28 -6.67 11.13
CA ASP A 582 -14.04 -7.38 12.17
C ASP A 582 -15.06 -8.28 11.56
N ILE A 583 -15.67 -7.81 10.52
CA ILE A 583 -16.73 -8.59 9.90
C ILE A 583 -16.17 -9.80 9.20
N ARG A 584 -15.08 -9.61 8.52
CA ARG A 584 -14.50 -10.67 7.69
C ARG A 584 -13.92 -11.72 8.64
N MET A 585 -13.26 -11.26 9.68
CA MET A 585 -12.72 -12.22 10.68
C MET A 585 -13.81 -12.92 11.49
N GLY A 586 -14.78 -12.16 11.99
CA GLY A 586 -15.95 -12.79 12.60
C GLY A 586 -16.50 -13.92 11.73
N GLY A 587 -16.54 -13.68 10.42
CA GLY A 587 -17.17 -14.62 9.51
C GLY A 587 -16.35 -15.91 9.35
N LEU A 588 -15.08 -15.73 9.19
CA LEU A 588 -14.17 -16.84 9.16
C LEU A 588 -14.31 -17.70 10.41
N LEU A 589 -14.39 -17.07 11.57
CA LEU A 589 -14.44 -17.85 12.84
C LEU A 589 -15.72 -18.66 12.83
N GLN A 590 -16.77 -18.05 12.26
CA GLN A 590 -18.04 -18.69 12.25
C GLN A 590 -18.09 -19.85 11.24
N ARG A 591 -17.36 -19.74 10.14
CA ARG A 591 -17.23 -20.87 9.19
C ARG A 591 -16.41 -22.02 9.75
N ILE A 592 -15.44 -21.70 10.62
CA ILE A 592 -14.60 -22.70 11.32
C ILE A 592 -15.49 -23.52 12.25
N LYS A 593 -16.17 -22.84 13.16
CA LYS A 593 -17.28 -23.42 13.90
C LYS A 593 -18.26 -24.31 13.09
N ARG A 594 -18.68 -23.90 11.90
CA ARG A 594 -19.54 -24.78 11.11
C ARG A 594 -18.85 -26.09 10.77
N ALA A 595 -17.55 -26.02 10.57
CA ALA A 595 -16.80 -27.16 10.14
C ALA A 595 -16.73 -28.13 11.30
N GLU A 596 -16.55 -27.57 12.51
CA GLU A 596 -16.54 -28.36 13.74
C GLU A 596 -17.90 -29.01 13.94
N SER A 597 -18.97 -28.24 13.70
CA SER A 597 -20.32 -28.69 13.98
C SER A 597 -20.79 -29.72 12.95
N ARG A 598 -20.55 -29.45 11.67
CA ARG A 598 -20.88 -30.41 10.60
C ARG A 598 -20.15 -31.76 10.78
N ILE A 599 -18.89 -31.71 11.19
CA ILE A 599 -18.17 -32.95 11.41
C ILE A 599 -18.83 -33.68 12.57
N GLU A 600 -19.00 -33.01 13.71
CA GLU A 600 -19.65 -33.63 14.89
C GLU A 600 -20.96 -34.35 14.55
N VAL A 601 -21.81 -33.70 13.76
CA VAL A 601 -23.06 -34.28 13.26
C VAL A 601 -22.83 -35.54 12.43
N TYR A 602 -21.79 -35.52 11.58
CA TYR A 602 -21.40 -36.70 10.81
C TYR A 602 -20.87 -37.79 11.73
N LEU A 603 -20.23 -37.37 12.83
CA LEU A 603 -19.65 -38.29 13.79
C LEU A 603 -20.70 -38.92 14.71
N ALA A 604 -21.79 -38.21 14.99
CA ALA A 604 -22.86 -38.75 15.85
C ALA A 604 -23.92 -39.60 15.10
N GLY A 605 -23.55 -40.10 13.92
CA GLY A 605 -24.46 -40.88 13.09
C GLY A 605 -25.54 -40.10 12.36
N GLN A 606 -25.71 -38.82 12.69
CA GLN A 606 -26.90 -38.03 12.28
C GLN A 606 -26.82 -37.50 10.85
N LEU A 607 -25.82 -37.92 10.09
CA LEU A 607 -25.64 -37.40 8.76
C LEU A 607 -25.12 -38.48 7.81
N ASP A 608 -25.60 -38.46 6.57
CA ASP A 608 -25.29 -39.49 5.59
C ASP A 608 -23.94 -39.20 4.97
N ARG A 609 -23.90 -38.16 4.14
CA ARG A 609 -22.67 -37.62 3.58
C ARG A 609 -22.44 -36.18 4.12
N ILE A 610 -21.19 -35.74 4.24
CA ILE A 610 -20.91 -34.29 4.41
C ILE A 610 -20.76 -33.77 3.01
N ASP A 611 -21.81 -33.10 2.54
CA ASP A 611 -21.98 -32.79 1.13
C ASP A 611 -20.91 -31.87 0.62
N GLU A 612 -20.57 -30.86 1.42
CA GLU A 612 -19.49 -29.92 1.08
C GLU A 612 -18.22 -30.66 0.60
N LEU A 613 -17.92 -31.75 1.28
CA LEU A 613 -16.70 -32.52 0.98
C LEU A 613 -16.83 -33.37 -0.26
N GLU A 614 -18.04 -33.61 -0.69
CA GLU A 614 -18.29 -34.43 -1.86
C GLU A 614 -18.03 -33.63 -3.12
N VAL A 615 -17.64 -32.38 -2.98
CA VAL A 615 -17.39 -31.57 -4.15
C VAL A 615 -15.90 -31.56 -4.53
N GLU A 616 -15.64 -31.96 -5.76
CA GLU A 616 -14.30 -31.96 -6.32
C GLU A 616 -13.78 -30.55 -6.43
N ILE A 617 -12.59 -30.28 -5.91
CA ILE A 617 -12.04 -28.93 -6.00
C ILE A 617 -11.33 -28.70 -7.32
N LEU A 618 -11.77 -27.63 -7.98
CA LEU A 618 -11.18 -27.14 -9.19
C LEU A 618 -10.15 -26.07 -8.83
N PRO A 619 -9.33 -25.71 -9.81
CA PRO A 619 -8.49 -24.56 -9.69
C PRO A 619 -9.37 -23.32 -9.45
N PHE A 620 -8.88 -22.39 -8.63
CA PHE A 620 -9.58 -21.15 -8.36
C PHE A 620 -9.51 -20.19 -9.54
N THR A 621 -8.34 -20.11 -10.15
CA THR A 621 -8.12 -19.33 -11.38
C THR A 621 -7.00 -19.94 -12.22
N ASP A 622 -7.01 -19.65 -13.52
CA ASP A 622 -5.95 -20.14 -14.43
C ASP A 622 -4.91 -19.05 -14.73
N PHE A 623 -4.87 -18.03 -13.90
CA PHE A 623 -3.99 -16.90 -14.18
C PHE A 623 -2.51 -17.30 -14.27
N TYR A 624 -2.11 -18.30 -13.48
CA TYR A 624 -0.74 -18.77 -13.46
C TYR A 624 -0.70 -20.30 -13.58
N ALA A 625 -1.70 -20.87 -14.23
CA ALA A 625 -1.81 -22.33 -14.36
C ALA A 625 -0.63 -22.96 -15.10
N ASP A 626 -0.13 -22.27 -16.12
CA ASP A 626 0.98 -22.77 -16.98
C ASP A 626 2.37 -22.72 -16.34
N LYS A 627 2.45 -22.32 -15.05
CA LYS A 627 3.71 -22.19 -14.31
C LYS A 627 3.96 -23.40 -13.42
N ASP A 628 5.19 -23.53 -12.93
CA ASP A 628 5.67 -24.72 -12.21
C ASP A 628 5.49 -24.68 -10.68
N PHE A 629 4.68 -23.74 -10.18
CA PHE A 629 4.36 -23.64 -8.74
C PHE A 629 2.83 -23.73 -8.69
N ALA A 630 2.28 -24.08 -7.53
CA ALA A 630 0.82 -24.24 -7.44
C ALA A 630 0.07 -22.94 -7.10
N ALA A 631 0.77 -21.99 -6.49
CA ALA A 631 0.19 -20.76 -5.95
C ALA A 631 -0.25 -19.82 -7.03
N THR A 632 -0.99 -18.78 -6.63
CA THR A 632 -1.61 -17.90 -7.59
C THR A 632 -1.91 -16.55 -6.93
N THR A 633 -2.74 -15.77 -7.61
CA THR A 633 -3.15 -14.46 -7.15
C THR A 633 -4.67 -14.44 -6.95
N ALA A 634 -5.12 -13.91 -5.80
CA ALA A 634 -6.52 -13.89 -5.42
C ALA A 634 -6.77 -12.84 -4.35
N ASN A 635 -7.26 -11.69 -4.77
CA ASN A 635 -7.21 -10.54 -3.92
C ASN A 635 -8.55 -9.89 -3.62
N GLN A 636 -9.60 -10.67 -3.76
CA GLN A 636 -10.95 -10.24 -3.43
C GLN A 636 -11.44 -11.17 -2.31
N TRP A 637 -11.71 -10.55 -1.16
CA TRP A 637 -12.05 -11.26 0.02
C TRP A 637 -13.24 -12.12 -0.24
N HIS A 638 -14.26 -11.50 -0.84
CA HIS A 638 -15.52 -12.15 -1.01
C HIS A 638 -15.51 -13.41 -1.91
N THR A 639 -14.55 -13.54 -2.85
CA THR A 639 -14.45 -14.72 -3.74
C THR A 639 -13.47 -15.70 -3.16
N ILE A 640 -12.61 -15.21 -2.26
CA ILE A 640 -11.79 -16.04 -1.41
C ILE A 640 -12.62 -16.81 -0.42
N ALA A 641 -13.55 -16.13 0.25
CA ALA A 641 -14.24 -16.68 1.42
C ALA A 641 -15.37 -17.62 1.06
N THR A 642 -15.93 -17.48 -0.14
CA THR A 642 -17.12 -18.25 -0.46
C THR A 642 -17.38 -18.19 -1.96
N ALA A 643 -17.88 -19.30 -2.49
CA ALA A 643 -18.36 -19.39 -3.88
C ALA A 643 -19.84 -19.00 -4.05
N SER A 644 -20.47 -18.64 -2.95
CA SER A 644 -21.82 -18.19 -2.93
C SER A 644 -21.88 -16.73 -3.27
N THR A 645 -23.09 -16.22 -3.41
CA THR A 645 -23.28 -14.81 -3.51
C THR A 645 -23.27 -14.21 -2.10
N ILE A 646 -22.56 -13.11 -2.00
CA ILE A 646 -22.57 -12.32 -0.81
C ILE A 646 -22.90 -10.86 -1.09
N TYR A 647 -22.51 -10.35 -2.24
CA TYR A 647 -22.70 -8.91 -2.57
C TYR A 647 -23.87 -8.61 -3.55
N THR A 648 -24.15 -9.55 -4.43
CA THR A 648 -25.14 -9.40 -5.48
C THR A 648 -26.54 -9.53 -4.91
N THR A 649 -27.49 -8.94 -5.62
CA THR A 649 -28.90 -8.93 -5.24
C THR A 649 -29.64 -10.11 -5.87
CAA OGN B . -4.35 0.24 -9.93
CAB OGN B . -5.35 1.24 -9.31
CAC OGN B . -5.15 1.41 -7.77
CAD OGN B . -4.85 0.01 -7.33
CAE OGN B . -3.51 -0.44 -7.71
CAF OGN B . -3.07 -1.74 -7.00
CAG OGN B . -3.83 2.95 -10.20
CAH OGN B . -3.66 4.31 -10.87
NAI OGN B . -5.07 2.53 -9.98
OAJ OGN B . -6.24 1.97 -6.99
OAK OGN B . -5.70 -0.75 -6.92
OAL OGN B . -3.69 -0.70 -9.08
OAM OGN B . -3.80 -2.89 -7.42
OAN OGN B . -2.85 2.27 -9.88
NAO OGN B . -3.56 -3.36 -12.87
CAP OGN B . -4.46 -2.45 -12.47
OAQ OGN B . -4.05 -1.53 -11.42
OAR OGN B . -5.61 -2.36 -12.88
CAS OGN B . -3.80 -4.32 -13.86
CAT OGN B . -5.01 -5.01 -13.93
CAU OGN B . -5.20 -5.97 -14.94
CAV OGN B . -4.18 -6.25 -15.85
CAW OGN B . -2.97 -5.57 -15.76
CAX OGN B . -2.79 -4.61 -14.76
NAY OGN B . -4.89 -0.60 -10.95
#